data_5VN9
#
_entry.id   5VN9
#
_cell.length_a   50.070
_cell.length_b   109.630
_cell.length_c   56.560
_cell.angle_alpha   90.00
_cell.angle_beta   116.27
_cell.angle_gamma   90.00
#
_symmetry.space_group_name_H-M   'P 1 21 1'
#
loop_
_entity.id
_entity.type
_entity.pdbx_description
1 polymer Bacteriorhodopsin
2 water water
#
_entity_poly.entity_id   1
_entity_poly.type   'polypeptide(L)'
_entity_poly.pdbx_seq_one_letter_code
;MLELLPTAVEGVSQAQITGRPEWIWLALGTALMGLGTLYFLVKGMGVSDPDAKKFYAITTLVPAIAFTMYLSMLLGYGLT
MVPFGGEQNPIYWARYADWLFTTPLLLLDLALLVDADQGTILALVGADGIMIGTGLVGALTKVYSYRFVWWAISTAAMLY
ILYVLFFGFTSKAESMRPEVASTFKVLRNVTVVLWSAYPVVWLIGSEGAGIVPLNIETLLFMVLDVSA(LYR)VGFGLIL
LRSRAIFGEAEAPEPSAGDGAAATSD
;
_entity_poly.pdbx_strand_id   A,B
#
# COMPACT_ATOMS: atom_id res chain seq x y z
N GLY A 19 17.79 -23.75 -4.73
CA GLY A 19 17.53 -23.38 -6.12
C GLY A 19 17.00 -21.97 -6.25
N ARG A 20 16.00 -21.64 -5.40
CA ARG A 20 15.42 -20.30 -5.40
C ARG A 20 16.07 -19.45 -4.32
N PRO A 21 16.46 -18.21 -4.61
CA PRO A 21 17.21 -17.42 -3.62
C PRO A 21 16.41 -17.08 -2.37
N GLU A 22 15.09 -17.19 -2.40
CA GLU A 22 14.28 -16.84 -1.24
C GLU A 22 14.15 -17.99 -0.24
N TRP A 23 14.87 -19.08 -0.43
CA TRP A 23 14.77 -20.19 0.52
C TRP A 23 15.12 -19.77 1.94
N ILE A 24 15.98 -18.76 2.09
CA ILE A 24 16.41 -18.35 3.42
C ILE A 24 15.27 -17.68 4.17
N TRP A 25 14.47 -16.87 3.48
CA TRP A 25 13.35 -16.18 4.12
C TRP A 25 12.24 -17.17 4.44
N LEU A 26 12.01 -18.13 3.56
CA LEU A 26 11.11 -19.24 3.87
C LEU A 26 11.59 -19.99 5.10
N ALA A 27 12.92 -20.01 5.31
CA ALA A 27 13.49 -20.72 6.46
C ALA A 27 13.42 -19.91 7.75
N LEU A 28 13.56 -18.58 7.66
CA LEU A 28 13.48 -17.76 8.87
C LEU A 28 12.06 -17.66 9.40
N GLY A 29 11.07 -17.59 8.52
CA GLY A 29 9.70 -17.62 8.96
C GLY A 29 9.35 -18.95 9.62
N THR A 30 9.73 -20.05 8.97
CA THR A 30 9.51 -21.38 9.53
C THR A 30 9.93 -21.43 11.00
N ALA A 31 11.14 -20.95 11.30
CA ALA A 31 11.64 -21.00 12.66
C ALA A 31 10.77 -20.17 13.59
N LEU A 32 10.56 -18.90 13.25
CA LEU A 32 9.80 -18.01 14.13
C LEU A 32 8.37 -18.49 14.29
N MET A 33 7.73 -18.88 13.19
CA MET A 33 6.38 -19.41 13.29
C MET A 33 6.36 -20.72 14.08
N GLY A 34 7.35 -21.57 13.87
CA GLY A 34 7.45 -22.78 14.68
C GLY A 34 7.79 -22.48 16.12
N LEU A 35 8.67 -21.51 16.34
CA LEU A 35 9.04 -21.13 17.71
C LEU A 35 7.87 -20.47 18.41
N GLY A 36 7.19 -19.55 17.73
CA GLY A 36 6.02 -18.93 18.32
C GLY A 36 4.91 -19.93 18.57
N THR A 37 4.83 -20.98 17.76
CA THR A 37 3.81 -22.00 17.98
C THR A 37 3.97 -22.62 19.36
N LEU A 38 5.18 -23.10 19.68
CA LEU A 38 5.39 -23.72 20.98
C LEU A 38 5.32 -22.69 22.10
N TYR A 39 5.83 -21.48 21.86
CA TYR A 39 5.79 -20.46 22.91
C TYR A 39 4.35 -20.21 23.33
N PHE A 40 3.45 -19.98 22.38
CA PHE A 40 2.05 -19.85 22.71
C PHE A 40 1.54 -21.15 23.32
N LEU A 41 1.91 -22.28 22.72
CA LEU A 41 1.48 -23.57 23.25
C LEU A 41 1.99 -23.77 24.66
N VAL A 42 3.25 -23.41 24.92
CA VAL A 42 3.81 -23.49 26.26
C VAL A 42 3.12 -22.49 27.18
N LYS A 43 3.03 -21.24 26.74
CA LYS A 43 2.40 -20.22 27.55
C LYS A 43 0.96 -20.56 27.87
N GLY A 44 0.32 -21.39 27.04
CA GLY A 44 -1.07 -21.79 27.26
C GLY A 44 -1.28 -22.93 28.24
N MET A 45 -0.22 -23.61 28.65
CA MET A 45 -0.37 -24.71 29.61
C MET A 45 -0.65 -24.18 31.00
N GLY A 46 -1.44 -24.94 31.76
CA GLY A 46 -1.81 -24.57 33.10
C GLY A 46 -2.79 -23.42 33.23
N VAL A 47 -3.04 -22.68 32.15
CA VAL A 47 -3.96 -21.55 32.20
C VAL A 47 -5.39 -22.09 32.28
N SER A 48 -6.11 -21.69 33.33
CA SER A 48 -7.42 -22.25 33.63
C SER A 48 -8.57 -21.39 33.16
N ASP A 49 -8.35 -20.09 32.96
CA ASP A 49 -9.45 -19.21 32.57
C ASP A 49 -10.08 -19.71 31.28
N PRO A 50 -11.40 -19.91 31.23
CA PRO A 50 -12.01 -20.39 29.97
C PRO A 50 -11.77 -19.46 28.79
N ASP A 51 -11.99 -18.15 28.98
CA ASP A 51 -11.77 -17.21 27.88
C ASP A 51 -10.34 -17.28 27.38
N ALA A 52 -9.38 -17.32 28.30
CA ALA A 52 -7.98 -17.42 27.91
C ALA A 52 -7.70 -18.71 27.13
N LYS A 53 -8.30 -19.83 27.56
CA LYS A 53 -8.11 -21.08 26.84
C LYS A 53 -8.56 -20.95 25.39
N LYS A 54 -9.64 -20.20 25.16
CA LYS A 54 -10.10 -19.95 23.80
C LYS A 54 -9.06 -19.16 23.01
N PHE A 55 -8.54 -18.08 23.60
CA PHE A 55 -7.56 -17.24 22.89
C PHE A 55 -6.26 -18.00 22.64
N TYR A 56 -5.76 -18.72 23.65
CA TYR A 56 -4.51 -19.46 23.48
C TYR A 56 -4.63 -20.51 22.38
N ALA A 57 -5.75 -21.22 22.32
CA ALA A 57 -5.93 -22.23 21.28
C ALA A 57 -5.98 -21.60 19.90
N ILE A 58 -6.75 -20.52 19.75
CA ILE A 58 -6.83 -19.83 18.47
C ILE A 58 -5.47 -19.24 18.11
N THR A 59 -4.88 -18.48 19.03
CA THR A 59 -3.64 -17.79 18.74
C THR A 59 -2.53 -18.78 18.44
N THR A 60 -2.51 -19.93 19.12
CA THR A 60 -1.44 -20.88 18.93
C THR A 60 -1.57 -21.65 17.62
N LEU A 61 -2.79 -21.81 17.13
CA LEU A 61 -3.00 -22.61 15.92
C LEU A 61 -2.54 -21.85 14.69
N VAL A 62 -2.65 -20.52 14.72
CA VAL A 62 -2.34 -19.68 13.56
C VAL A 62 -0.88 -19.88 13.17
N PRO A 63 0.09 -19.61 14.05
CA PRO A 63 1.49 -19.80 13.64
C PRO A 63 1.80 -21.24 13.30
N ALA A 64 1.06 -22.17 13.90
CA ALA A 64 1.23 -23.58 13.54
C ALA A 64 0.80 -23.83 12.11
N ILE A 65 -0.32 -23.21 11.69
CA ILE A 65 -0.78 -23.36 10.32
C ILE A 65 0.23 -22.74 9.36
N ALA A 66 0.71 -21.55 9.69
CA ALA A 66 1.69 -20.90 8.83
C ALA A 66 3.00 -21.66 8.79
N PHE A 67 3.45 -22.15 9.94
CA PHE A 67 4.67 -22.96 10.00
C PHE A 67 4.61 -24.09 8.99
N THR A 68 3.49 -24.81 8.95
CA THR A 68 3.37 -25.95 8.06
C THR A 68 3.54 -25.57 6.60
N MET A 69 2.98 -24.42 6.20
CA MET A 69 3.08 -24.01 4.80
C MET A 69 4.43 -23.36 4.52
N TYR A 70 4.98 -22.61 5.48
CA TYR A 70 6.34 -22.12 5.31
C TYR A 70 7.32 -23.27 5.18
N LEU A 71 7.05 -24.37 5.87
CA LEU A 71 7.94 -25.53 5.81
C LEU A 71 7.85 -26.22 4.45
N SER A 72 6.64 -26.36 3.90
CA SER A 72 6.48 -27.02 2.62
C SER A 72 7.10 -26.20 1.48
N MET A 73 6.89 -24.88 1.49
CA MET A 73 7.51 -24.05 0.48
C MET A 73 9.03 -24.16 0.54
N LEU A 74 9.60 -24.17 1.75
CA LEU A 74 11.05 -24.30 1.89
C LEU A 74 11.57 -25.59 1.26
N LEU A 75 10.77 -26.65 1.27
CA LEU A 75 11.17 -27.93 0.70
C LEU A 75 10.74 -28.07 -0.76
N GLY A 76 10.28 -26.98 -1.37
CA GLY A 76 9.94 -26.95 -2.78
C GLY A 76 8.54 -27.44 -3.07
N TYR A 77 7.60 -27.13 -2.19
CA TYR A 77 6.20 -27.53 -2.35
C TYR A 77 5.33 -26.28 -2.41
N GLY A 78 4.24 -26.36 -3.15
CA GLY A 78 3.33 -25.23 -3.28
C GLY A 78 3.83 -24.07 -4.11
N LEU A 79 4.54 -24.36 -5.20
CA LEU A 79 5.10 -23.33 -6.08
C LEU A 79 4.82 -23.74 -7.52
N THR A 80 4.17 -22.85 -8.28
CA THR A 80 3.87 -23.12 -9.69
C THR A 80 4.32 -21.95 -10.55
N MET A 81 4.34 -22.20 -11.85
CA MET A 81 4.78 -21.23 -12.85
C MET A 81 3.56 -20.81 -13.66
N VAL A 82 2.99 -19.65 -13.36
CA VAL A 82 1.80 -19.20 -14.08
C VAL A 82 2.27 -18.44 -15.32
N PRO A 83 1.71 -18.71 -16.51
CA PRO A 83 2.18 -18.00 -17.71
C PRO A 83 1.35 -16.77 -18.02
N PHE A 84 1.93 -15.59 -17.82
CA PHE A 84 1.26 -14.34 -18.13
C PHE A 84 2.30 -13.25 -18.32
N GLY A 85 1.91 -12.20 -19.03
CA GLY A 85 2.80 -11.09 -19.30
C GLY A 85 4.01 -11.46 -20.13
N GLY A 86 3.88 -12.48 -20.98
CA GLY A 86 5.00 -12.91 -21.79
C GLY A 86 6.09 -13.65 -21.05
N GLU A 87 5.97 -13.81 -19.74
CA GLU A 87 6.97 -14.47 -18.92
C GLU A 87 6.31 -15.60 -18.14
N GLN A 88 7.14 -16.55 -17.72
CA GLN A 88 6.70 -17.63 -16.85
C GLN A 88 6.91 -17.12 -15.43
N ASN A 89 5.83 -16.70 -14.79
CA ASN A 89 5.94 -16.00 -13.52
C ASN A 89 5.78 -16.99 -12.38
N PRO A 90 6.78 -17.13 -11.49
CA PRO A 90 6.68 -18.10 -10.39
C PRO A 90 5.72 -17.62 -9.32
N ILE A 91 4.72 -18.45 -9.04
CA ILE A 91 3.65 -18.10 -8.11
C ILE A 91 3.67 -19.09 -6.95
N TYR A 92 3.79 -18.57 -5.73
CA TYR A 92 3.72 -19.38 -4.51
C TYR A 92 2.26 -19.44 -4.09
N TRP A 93 1.54 -20.49 -4.51
CA TRP A 93 0.15 -20.65 -4.16
C TRP A 93 -0.07 -21.22 -2.77
N ALA A 94 0.98 -21.71 -2.10
CA ALA A 94 0.81 -22.28 -0.77
C ALA A 94 0.38 -21.22 0.26
N ARG A 95 0.74 -19.95 0.05
CA ARG A 95 0.35 -18.91 0.99
C ARG A 95 -1.16 -18.84 1.21
N TYR A 96 -1.95 -19.22 0.21
CA TYR A 96 -3.40 -19.05 0.30
C TYR A 96 -4.05 -20.16 1.11
N ALA A 97 -3.52 -21.38 1.07
CA ALA A 97 -3.96 -22.39 2.03
C ALA A 97 -3.65 -21.96 3.46
N ASP A 98 -2.53 -21.26 3.67
CA ASP A 98 -2.19 -20.73 4.98
C ASP A 98 -3.15 -19.63 5.41
N TRP A 99 -3.22 -18.56 4.61
CA TRP A 99 -4.03 -17.41 5.01
C TRP A 99 -5.51 -17.75 5.10
N LEU A 100 -5.97 -18.78 4.40
CA LEU A 100 -7.38 -19.11 4.43
C LEU A 100 -7.85 -19.45 5.83
N PHE A 101 -7.00 -20.10 6.63
CA PHE A 101 -7.35 -20.49 7.99
C PHE A 101 -6.75 -19.59 9.06
N THR A 102 -5.56 -19.02 8.81
CA THR A 102 -4.93 -18.19 9.84
C THR A 102 -5.68 -16.88 10.02
N THR A 103 -6.09 -16.25 8.93
CA THR A 103 -6.72 -14.94 9.00
C THR A 103 -8.09 -15.01 9.65
N PRO A 104 -8.94 -15.99 9.33
CA PRO A 104 -10.24 -16.04 10.03
C PRO A 104 -10.08 -16.27 11.52
N LEU A 105 -9.01 -16.94 11.93
CA LEU A 105 -8.77 -17.13 13.36
C LEU A 105 -8.30 -15.82 14.00
N LEU A 106 -7.55 -15.01 13.26
CA LEU A 106 -7.19 -13.68 13.75
C LEU A 106 -8.43 -12.81 13.88
N LEU A 107 -9.39 -12.95 12.96
CA LEU A 107 -10.65 -12.23 13.07
C LEU A 107 -11.48 -12.75 14.24
N LEU A 108 -11.53 -14.07 14.42
CA LEU A 108 -12.27 -14.62 15.55
C LEU A 108 -11.64 -14.22 16.87
N ASP A 109 -10.32 -14.10 16.91
CA ASP A 109 -9.65 -13.61 18.11
C ASP A 109 -10.17 -12.24 18.51
N LEU A 110 -10.20 -11.30 17.56
CA LEU A 110 -10.77 -9.99 17.85
C LEU A 110 -12.27 -10.09 18.15
N ALA A 111 -12.97 -10.97 17.45
CA ALA A 111 -14.40 -11.13 17.69
C ALA A 111 -14.68 -11.54 19.14
N LEU A 112 -14.00 -12.59 19.61
CA LEU A 112 -14.15 -12.99 21.00
C LEU A 112 -13.63 -11.91 21.94
N LEU A 113 -12.59 -11.19 21.53
CA LEU A 113 -12.02 -10.15 22.37
C LEU A 113 -13.05 -9.06 22.67
N VAL A 114 -13.75 -8.57 21.64
CA VAL A 114 -14.72 -7.50 21.83
C VAL A 114 -16.13 -8.03 22.07
N ASP A 115 -16.30 -9.35 22.12
CA ASP A 115 -17.60 -9.95 22.40
C ASP A 115 -18.64 -9.47 21.39
N ALA A 116 -18.30 -9.62 20.11
CA ALA A 116 -19.19 -9.22 19.03
C ALA A 116 -20.23 -10.31 18.79
N ASP A 117 -21.42 -9.89 18.38
CA ASP A 117 -22.46 -10.88 18.15
C ASP A 117 -22.15 -11.67 16.88
N GLN A 118 -22.86 -12.79 16.71
CA GLN A 118 -22.55 -13.69 15.61
C GLN A 118 -22.76 -13.04 14.25
N GLY A 119 -23.67 -12.06 14.16
CA GLY A 119 -23.95 -11.43 12.88
C GLY A 119 -22.72 -10.78 12.29
N THR A 120 -21.96 -10.06 13.10
CA THR A 120 -20.73 -9.44 12.60
C THR A 120 -19.73 -10.50 12.16
N ILE A 121 -19.59 -11.57 12.94
CA ILE A 121 -18.59 -12.59 12.67
C ILE A 121 -18.84 -13.26 11.33
N LEU A 122 -20.08 -13.68 11.09
CA LEU A 122 -20.38 -14.33 9.82
C LEU A 122 -19.99 -13.44 8.65
N ALA A 123 -20.22 -12.14 8.77
CA ALA A 123 -19.83 -11.22 7.72
C ALA A 123 -18.31 -11.16 7.58
N LEU A 124 -17.62 -11.05 8.71
CA LEU A 124 -16.15 -11.01 8.66
C LEU A 124 -15.60 -12.30 8.08
N VAL A 125 -16.11 -13.46 8.53
CA VAL A 125 -15.61 -14.72 8.03
C VAL A 125 -15.95 -14.87 6.55
N GLY A 126 -17.16 -14.46 6.16
CA GLY A 126 -17.52 -14.49 4.75
C GLY A 126 -16.61 -13.61 3.92
N ALA A 127 -16.36 -12.38 4.38
CA ALA A 127 -15.50 -11.47 3.63
C ALA A 127 -14.09 -12.02 3.48
N ASP A 128 -13.57 -12.66 4.54
CA ASP A 128 -12.21 -13.19 4.49
C ASP A 128 -12.11 -14.32 3.47
N GLY A 129 -13.12 -15.19 3.41
CA GLY A 129 -13.11 -16.24 2.41
C GLY A 129 -13.08 -15.70 1.00
N ILE A 130 -13.91 -14.70 0.72
CA ILE A 130 -13.90 -14.07 -0.60
C ILE A 130 -12.56 -13.37 -0.83
N MET A 131 -12.04 -12.70 0.20
CA MET A 131 -10.77 -12.01 0.06
C MET A 131 -9.65 -12.96 -0.33
N ILE A 132 -9.47 -14.04 0.43
CA ILE A 132 -8.40 -15.00 0.14
C ILE A 132 -8.80 -15.89 -1.03
N GLY A 133 -10.08 -16.20 -1.19
CA GLY A 133 -10.52 -17.01 -2.30
C GLY A 133 -10.19 -16.41 -3.65
N THR A 134 -10.68 -15.20 -3.91
CA THR A 134 -10.38 -14.53 -5.17
C THR A 134 -8.88 -14.29 -5.33
N GLY A 135 -8.18 -14.00 -4.24
CA GLY A 135 -6.76 -13.74 -4.34
C GLY A 135 -5.99 -14.88 -4.99
N LEU A 136 -6.38 -16.13 -4.69
CA LEU A 136 -5.69 -17.27 -5.27
C LEU A 136 -5.98 -17.40 -6.76
N VAL A 137 -7.22 -17.15 -7.17
CA VAL A 137 -7.57 -17.21 -8.58
C VAL A 137 -6.76 -16.19 -9.37
N GLY A 138 -6.64 -14.97 -8.85
CA GLY A 138 -5.86 -13.96 -9.53
C GLY A 138 -4.39 -14.33 -9.62
N ALA A 139 -3.86 -14.94 -8.55
CA ALA A 139 -2.48 -15.39 -8.59
C ALA A 139 -2.27 -16.52 -9.59
N LEU A 140 -3.35 -17.16 -10.05
CA LEU A 140 -3.25 -18.27 -10.99
C LEU A 140 -3.92 -18.02 -12.32
N THR A 141 -4.68 -16.94 -12.48
CA THR A 141 -5.28 -16.63 -13.77
C THR A 141 -4.19 -16.46 -14.82
N LYS A 142 -4.45 -16.97 -16.02
CA LYS A 142 -3.48 -16.87 -17.10
C LYS A 142 -3.64 -15.60 -17.93
N VAL A 143 -4.83 -15.02 -17.97
CA VAL A 143 -5.03 -13.74 -18.62
C VAL A 143 -4.50 -12.66 -17.69
N TYR A 144 -3.58 -11.83 -18.19
CA TYR A 144 -2.91 -10.86 -17.34
C TYR A 144 -3.91 -9.89 -16.73
N SER A 145 -4.75 -9.27 -17.57
CA SER A 145 -5.62 -8.20 -17.11
C SER A 145 -6.51 -8.69 -15.97
N TYR A 146 -7.13 -9.86 -16.12
CA TYR A 146 -7.99 -10.37 -15.07
C TYR A 146 -7.22 -10.65 -13.79
N ARG A 147 -5.89 -10.83 -13.86
CA ARG A 147 -5.13 -10.99 -12.63
C ARG A 147 -5.38 -9.81 -11.69
N PHE A 148 -5.45 -8.60 -12.24
CA PHE A 148 -5.68 -7.42 -11.43
C PHE A 148 -7.15 -7.22 -11.10
N VAL A 149 -8.05 -7.70 -11.96
CA VAL A 149 -9.48 -7.63 -11.67
C VAL A 149 -9.79 -8.36 -10.37
N TRP A 150 -9.27 -9.57 -10.23
CA TRP A 150 -9.49 -10.34 -9.01
C TRP A 150 -8.81 -9.68 -7.81
N TRP A 151 -7.67 -9.03 -8.02
CA TRP A 151 -7.02 -8.30 -6.95
C TRP A 151 -7.95 -7.23 -6.37
N ALA A 152 -8.65 -6.51 -7.25
CA ALA A 152 -9.54 -5.45 -6.79
C ALA A 152 -10.63 -6.00 -5.88
N ILE A 153 -11.29 -7.08 -6.33
CA ILE A 153 -12.37 -7.67 -5.54
C ILE A 153 -11.86 -8.05 -4.16
N SER A 154 -10.70 -8.70 -4.10
CA SER A 154 -10.11 -9.06 -2.82
C SER A 154 -9.85 -7.84 -1.96
N THR A 155 -9.18 -6.83 -2.53
CA THR A 155 -8.95 -5.60 -1.79
C THR A 155 -10.26 -4.99 -1.31
N ALA A 156 -11.27 -4.97 -2.19
CA ALA A 156 -12.58 -4.50 -1.76
C ALA A 156 -13.07 -5.28 -0.55
N ALA A 157 -12.88 -6.61 -0.58
CA ALA A 157 -13.25 -7.42 0.57
C ALA A 157 -12.43 -7.03 1.80
N MET A 158 -11.12 -6.89 1.64
CA MET A 158 -10.28 -6.51 2.77
C MET A 158 -10.75 -5.19 3.38
N LEU A 159 -11.02 -4.20 2.53
CA LEU A 159 -11.41 -2.90 3.03
C LEU A 159 -12.68 -3.00 3.85
N TYR A 160 -13.63 -3.83 3.41
CA TYR A 160 -14.84 -4.04 4.20
C TYR A 160 -14.50 -4.58 5.59
N ILE A 161 -13.55 -5.52 5.66
CA ILE A 161 -13.13 -6.07 6.95
C ILE A 161 -12.56 -4.98 7.84
N LEU A 162 -11.58 -4.24 7.32
CA LEU A 162 -10.94 -3.19 8.11
C LEU A 162 -11.96 -2.13 8.54
N TYR A 163 -12.96 -1.86 7.70
CA TYR A 163 -14.00 -0.92 8.09
C TYR A 163 -14.76 -1.42 9.31
N VAL A 164 -15.13 -2.71 9.30
CA VAL A 164 -15.85 -3.29 10.43
C VAL A 164 -14.97 -3.26 11.67
N LEU A 165 -13.70 -3.62 11.53
CA LEU A 165 -12.81 -3.62 12.68
C LEU A 165 -12.59 -2.21 13.20
N PHE A 166 -12.37 -1.24 12.30
CA PHE A 166 -11.99 0.10 12.72
C PHE A 166 -13.18 0.88 13.27
N PHE A 167 -14.34 0.77 12.63
CA PHE A 167 -15.53 1.52 13.01
C PHE A 167 -16.47 0.72 13.90
N GLY A 168 -16.78 -0.51 13.52
CA GLY A 168 -17.67 -1.34 14.33
C GLY A 168 -17.05 -1.79 15.63
N PHE A 169 -15.98 -2.58 15.55
CA PHE A 169 -15.39 -3.21 16.73
C PHE A 169 -14.94 -2.19 17.76
N THR A 170 -14.37 -1.07 17.32
CA THR A 170 -13.84 -0.09 18.26
C THR A 170 -14.92 0.41 19.23
N SER A 171 -16.08 0.80 18.70
CA SER A 171 -17.16 1.27 19.56
C SER A 171 -17.52 0.22 20.61
N LYS A 172 -17.51 -1.06 20.23
CA LYS A 172 -17.80 -2.11 21.18
C LYS A 172 -16.70 -2.21 22.24
N ALA A 173 -15.44 -2.01 21.86
CA ALA A 173 -14.34 -2.18 22.80
C ALA A 173 -14.39 -1.15 23.92
N GLU A 174 -15.01 0.01 23.66
CA GLU A 174 -15.09 1.06 24.68
C GLU A 174 -16.13 0.73 25.74
N SER A 175 -17.26 0.14 25.34
CA SER A 175 -18.24 -0.29 26.33
C SER A 175 -17.68 -1.35 27.25
N MET A 176 -16.66 -2.09 26.81
CA MET A 176 -16.03 -3.11 27.64
C MET A 176 -15.23 -2.43 28.74
N ARG A 177 -14.48 -3.23 29.49
CA ARG A 177 -13.61 -2.70 30.52
C ARG A 177 -12.33 -2.14 29.89
N PRO A 178 -11.62 -1.24 30.60
CA PRO A 178 -10.49 -0.55 29.96
C PRO A 178 -9.41 -1.48 29.43
N GLU A 179 -9.15 -2.61 30.09
CA GLU A 179 -8.11 -3.50 29.62
C GLU A 179 -8.42 -4.04 28.23
N VAL A 180 -9.70 -4.28 27.95
CA VAL A 180 -10.08 -4.81 26.64
C VAL A 180 -9.91 -3.75 25.57
N ALA A 181 -10.28 -2.51 25.88
CA ALA A 181 -10.16 -1.44 24.90
C ALA A 181 -8.71 -1.18 24.54
N SER A 182 -7.82 -1.12 25.55
CA SER A 182 -6.43 -0.79 25.28
C SER A 182 -5.74 -1.85 24.45
N THR A 183 -6.02 -3.13 24.70
CA THR A 183 -5.37 -4.20 23.96
C THR A 183 -5.92 -4.31 22.55
N PHE A 184 -7.22 -4.08 22.38
CA PHE A 184 -7.81 -4.18 21.05
C PHE A 184 -7.27 -3.10 20.12
N LYS A 185 -7.11 -1.88 20.64
CA LYS A 185 -6.60 -0.79 19.81
C LYS A 185 -5.24 -1.16 19.22
N VAL A 186 -4.38 -1.80 20.00
CA VAL A 186 -3.06 -2.20 19.51
C VAL A 186 -3.19 -3.26 18.43
N LEU A 187 -4.04 -4.27 18.67
CA LEU A 187 -4.23 -5.31 17.67
C LEU A 187 -4.94 -4.77 16.43
N ARG A 188 -5.80 -3.77 16.61
CA ARG A 188 -6.43 -3.14 15.47
C ARG A 188 -5.41 -2.39 14.62
N ASN A 189 -4.57 -1.58 15.27
CA ASN A 189 -3.56 -0.82 14.53
C ASN A 189 -2.53 -1.74 13.89
N VAL A 190 -2.20 -2.86 14.55
CA VAL A 190 -1.27 -3.81 13.95
C VAL A 190 -1.92 -4.50 12.76
N THR A 191 -3.18 -4.91 12.91
CA THR A 191 -3.88 -5.55 11.81
C THR A 191 -4.06 -4.59 10.64
N VAL A 192 -4.55 -3.39 10.92
CA VAL A 192 -4.78 -2.40 9.87
C VAL A 192 -3.49 -2.09 9.13
N VAL A 193 -2.40 -1.90 9.86
CA VAL A 193 -1.13 -1.56 9.21
C VAL A 193 -0.66 -2.73 8.36
N LEU A 194 -0.64 -3.94 8.93
CA LEU A 194 -0.01 -5.06 8.26
C LEU A 194 -0.90 -5.58 7.12
N TRP A 195 -2.19 -5.74 7.37
CA TRP A 195 -3.08 -6.25 6.34
C TRP A 195 -3.11 -5.32 5.13
N SER A 196 -3.08 -4.01 5.37
CA SER A 196 -3.11 -3.06 4.27
C SER A 196 -1.89 -3.22 3.37
N ALA A 197 -0.78 -3.72 3.91
CA ALA A 197 0.43 -3.90 3.13
C ALA A 197 0.37 -5.11 2.22
N TYR A 198 -0.52 -6.07 2.50
CA TYR A 198 -0.57 -7.29 1.70
C TYR A 198 -1.02 -7.05 0.26
N PRO A 199 -2.10 -6.29 0.00
CA PRO A 199 -2.53 -6.12 -1.40
C PRO A 199 -1.53 -5.36 -2.26
N VAL A 200 -0.74 -4.45 -1.68
CA VAL A 200 0.21 -3.68 -2.47
C VAL A 200 1.37 -4.57 -2.94
N VAL A 201 1.95 -5.33 -2.01
CA VAL A 201 3.07 -6.21 -2.36
C VAL A 201 2.66 -7.18 -3.46
N TRP A 202 1.45 -7.74 -3.34
CA TRP A 202 0.91 -8.59 -4.39
C TRP A 202 0.85 -7.84 -5.73
N LEU A 203 0.48 -6.56 -5.68
CA LEU A 203 0.28 -5.80 -6.90
C LEU A 203 1.59 -5.60 -7.66
N ILE A 204 2.65 -5.20 -6.96
CA ILE A 204 3.91 -4.89 -7.63
C ILE A 204 4.79 -6.13 -7.82
N GLY A 205 4.51 -7.22 -7.11
CA GLY A 205 5.38 -8.37 -7.09
C GLY A 205 5.23 -9.27 -8.30
N SER A 206 5.67 -10.51 -8.14
CA SER A 206 5.55 -11.50 -9.22
C SER A 206 4.11 -11.82 -9.56
N GLU A 207 3.18 -11.53 -8.65
CA GLU A 207 1.78 -11.82 -8.92
C GLU A 207 1.20 -10.90 -9.98
N GLY A 208 1.64 -9.65 -10.02
CA GLY A 208 1.09 -8.68 -10.95
C GLY A 208 2.12 -7.98 -11.81
N ALA A 209 2.60 -6.82 -11.35
CA ALA A 209 3.45 -5.98 -12.19
C ALA A 209 4.75 -6.69 -12.55
N GLY A 210 5.42 -7.26 -11.56
CA GLY A 210 6.72 -7.84 -11.79
C GLY A 210 7.87 -6.86 -11.66
N ILE A 211 7.71 -5.84 -10.82
CA ILE A 211 8.79 -4.86 -10.64
C ILE A 211 9.69 -5.26 -9.49
N VAL A 212 9.14 -5.96 -8.50
CA VAL A 212 9.89 -6.45 -7.35
C VAL A 212 10.17 -7.93 -7.58
N PRO A 213 11.43 -8.36 -7.61
CA PRO A 213 11.71 -9.78 -7.87
C PRO A 213 11.14 -10.66 -6.78
N LEU A 214 10.92 -11.94 -7.12
CA LEU A 214 10.27 -12.85 -6.19
C LEU A 214 11.02 -12.95 -4.87
N ASN A 215 12.36 -12.86 -4.90
CA ASN A 215 13.13 -12.99 -3.68
C ASN A 215 12.78 -11.91 -2.67
N ILE A 216 12.55 -10.69 -3.14
CA ILE A 216 12.20 -9.60 -2.23
C ILE A 216 10.77 -9.74 -1.76
N GLU A 217 9.86 -10.10 -2.66
CA GLU A 217 8.47 -10.32 -2.29
C GLU A 217 8.38 -11.24 -1.08
N THR A 218 9.12 -12.35 -1.11
CA THR A 218 9.11 -13.31 0.00
C THR A 218 9.52 -12.65 1.31
N LEU A 219 10.57 -11.82 1.28
CA LEU A 219 11.04 -11.19 2.52
C LEU A 219 9.97 -10.30 3.13
N LEU A 220 9.26 -9.54 2.30
CA LEU A 220 8.22 -8.65 2.82
C LEU A 220 7.03 -9.42 3.37
N PHE A 221 6.62 -10.51 2.72
CA PHE A 221 5.53 -11.31 3.26
C PHE A 221 5.90 -11.96 4.59
N MET A 222 7.18 -12.31 4.79
CA MET A 222 7.55 -12.94 6.05
C MET A 222 7.49 -11.94 7.20
N VAL A 223 8.07 -10.76 7.02
CA VAL A 223 8.06 -9.77 8.10
C VAL A 223 6.62 -9.47 8.51
N LEU A 224 5.71 -9.44 7.54
CA LEU A 224 4.30 -9.21 7.86
C LEU A 224 3.71 -10.43 8.57
N ASP A 225 3.82 -11.61 7.96
CA ASP A 225 3.22 -12.80 8.55
C ASP A 225 3.72 -13.01 9.98
N VAL A 226 5.03 -12.90 10.18
CA VAL A 226 5.57 -13.06 11.52
C VAL A 226 4.98 -12.01 12.44
N SER A 227 4.98 -10.74 11.99
CA SER A 227 4.40 -9.68 12.81
C SER A 227 2.91 -9.86 12.97
N ALA A 228 2.24 -10.39 11.95
CA ALA A 228 0.79 -10.50 11.94
C ALA A 228 0.33 -11.78 12.61
N VAL A 230 3.00 -13.95 15.01
CA VAL A 230 3.84 -14.07 16.19
C VAL A 230 3.74 -12.77 16.96
N GLY A 231 4.11 -11.67 16.31
CA GLY A 231 4.03 -10.36 16.97
C GLY A 231 2.61 -10.03 17.38
N PHE A 232 1.65 -10.25 16.49
CA PHE A 232 0.25 -10.08 16.83
C PHE A 232 -0.13 -10.99 18.00
N GLY A 233 0.19 -12.28 17.89
CA GLY A 233 -0.12 -13.19 18.98
C GLY A 233 0.58 -12.77 20.26
N LEU A 234 1.86 -12.44 20.16
CA LEU A 234 2.63 -12.03 21.34
C LEU A 234 1.93 -10.89 22.08
N ILE A 235 1.51 -9.86 21.34
CA ILE A 235 0.83 -8.73 21.97
C ILE A 235 -0.43 -9.18 22.67
N LEU A 236 -1.20 -10.06 22.02
CA LEU A 236 -2.47 -10.50 22.58
C LEU A 236 -2.28 -11.31 23.85
N LEU A 237 -1.42 -12.33 23.79
CA LEU A 237 -1.29 -13.28 24.90
C LEU A 237 -0.48 -12.72 26.06
N ARG A 238 0.25 -11.63 25.87
CA ARG A 238 0.88 -10.94 26.99
C ARG A 238 -0.09 -10.05 27.73
N SER A 239 -1.32 -9.91 27.25
CA SER A 239 -2.29 -8.99 27.82
C SER A 239 -3.16 -9.68 28.86
N ARG A 240 -3.75 -8.87 29.74
CA ARG A 240 -4.69 -9.34 30.74
C ARG A 240 -6.15 -9.26 30.29
N ALA A 241 -6.39 -8.84 29.04
CA ALA A 241 -7.76 -8.72 28.55
C ALA A 241 -8.37 -10.07 28.20
N ILE A 242 -7.56 -11.05 27.82
CA ILE A 242 -8.09 -12.35 27.45
C ILE A 242 -8.75 -13.04 28.64
N PHE A 243 -8.45 -12.59 29.86
CA PHE A 243 -9.02 -13.15 31.07
C PHE A 243 -10.36 -12.48 31.35
N GLY A 244 -11.39 -13.30 31.60
CA GLY A 244 -12.70 -12.78 31.93
C GLY A 244 -12.85 -12.48 33.40
N GLY B 19 8.98 24.31 15.00
CA GLY B 19 7.86 24.09 15.90
C GLY B 19 7.25 22.72 15.72
N ARG B 20 7.01 22.34 14.46
CA ARG B 20 6.45 21.03 14.17
C ARG B 20 7.58 20.06 13.88
N PRO B 21 7.57 18.85 14.45
CA PRO B 21 8.75 17.97 14.33
C PRO B 21 9.05 17.58 12.90
N GLU B 22 8.10 17.68 12.00
CA GLU B 22 8.32 17.34 10.60
C GLU B 22 8.90 18.50 9.81
N TRP B 23 9.27 19.60 10.46
CA TRP B 23 9.82 20.74 9.73
C TRP B 23 11.08 20.33 8.98
N ILE B 24 11.84 19.37 9.53
CA ILE B 24 13.10 18.97 8.91
C ILE B 24 12.85 18.21 7.62
N TRP B 25 11.82 17.36 7.59
CA TRP B 25 11.50 16.65 6.36
C TRP B 25 10.89 17.59 5.33
N LEU B 26 10.06 18.53 5.78
CA LEU B 26 9.63 19.61 4.89
C LEU B 26 10.82 20.44 4.43
N ALA B 27 11.87 20.53 5.25
CA ALA B 27 13.03 21.33 4.88
C ALA B 27 13.90 20.61 3.86
N LEU B 28 13.97 19.29 3.93
CA LEU B 28 14.69 18.55 2.90
C LEU B 28 13.93 18.57 1.59
N GLY B 29 12.59 18.52 1.66
CA GLY B 29 11.80 18.65 0.45
C GLY B 29 11.97 20.00 -0.20
N THR B 30 11.80 21.08 0.57
CA THR B 30 12.07 22.42 0.04
C THR B 30 13.42 22.45 -0.64
N ALA B 31 14.45 21.96 0.06
CA ALA B 31 15.80 21.98 -0.49
C ALA B 31 15.92 21.11 -1.74
N LEU B 32 15.55 19.84 -1.62
CA LEU B 32 15.73 18.92 -2.76
C LEU B 32 14.88 19.33 -3.94
N MET B 33 13.62 19.69 -3.70
CA MET B 33 12.77 20.13 -4.81
C MET B 33 13.34 21.38 -5.45
N GLY B 34 13.91 22.29 -4.65
CA GLY B 34 14.54 23.46 -5.21
C GLY B 34 15.78 23.13 -6.02
N LEU B 35 16.58 22.18 -5.55
CA LEU B 35 17.80 21.80 -6.25
C LEU B 35 17.49 21.08 -7.57
N GLY B 36 16.53 20.16 -7.57
CA GLY B 36 16.20 19.46 -8.79
C GLY B 36 15.67 20.37 -9.88
N THR B 37 15.01 21.46 -9.50
CA THR B 37 14.52 22.42 -10.48
C THR B 37 15.68 23.02 -11.28
N LEU B 38 16.71 23.49 -10.57
CA LEU B 38 17.81 24.20 -11.20
C LEU B 38 18.59 23.30 -12.14
N TYR B 39 18.79 22.03 -11.75
CA TYR B 39 19.54 21.10 -12.60
C TYR B 39 18.86 20.93 -13.95
N PHE B 40 17.55 20.69 -13.95
CA PHE B 40 16.83 20.52 -15.22
C PHE B 40 16.89 21.78 -16.05
N LEU B 41 16.65 22.93 -15.42
CA LEU B 41 16.67 24.19 -16.17
C LEU B 41 18.03 24.40 -16.81
N VAL B 42 19.11 24.13 -16.08
CA VAL B 42 20.44 24.19 -16.66
C VAL B 42 20.61 23.08 -17.68
N LYS B 43 20.22 21.85 -17.31
CA LYS B 43 20.34 20.73 -18.23
C LYS B 43 19.56 20.99 -19.51
N GLY B 44 18.52 21.83 -19.44
CA GLY B 44 17.77 22.17 -20.63
C GLY B 44 18.39 23.23 -21.49
N MET B 45 19.41 23.92 -20.98
CA MET B 45 20.10 24.93 -21.76
C MET B 45 20.97 24.26 -22.80
N GLY B 46 21.13 24.93 -23.94
CA GLY B 46 21.82 24.35 -25.08
C GLY B 46 21.03 23.30 -25.83
N VAL B 47 19.94 22.80 -25.25
CA VAL B 47 19.09 21.83 -25.93
C VAL B 47 18.19 22.58 -26.91
N SER B 48 18.32 22.26 -28.20
CA SER B 48 17.57 22.96 -29.23
C SER B 48 16.36 22.18 -29.72
N ASP B 49 16.37 20.86 -29.59
CA ASP B 49 15.29 20.04 -30.12
C ASP B 49 13.97 20.44 -29.48
N PRO B 50 12.93 20.76 -30.27
CA PRO B 50 11.64 21.13 -29.65
C PRO B 50 11.07 20.03 -28.77
N ASP B 51 11.06 18.79 -29.28
CA ASP B 51 10.51 17.67 -28.52
C ASP B 51 11.22 17.54 -27.19
N ALA B 52 12.56 17.61 -27.19
CA ALA B 52 13.30 17.61 -25.94
C ALA B 52 12.92 18.82 -25.10
N LYS B 53 12.73 19.97 -25.75
CA LYS B 53 12.29 21.16 -25.03
C LYS B 53 10.93 20.92 -24.37
N LYS B 54 10.06 20.13 -25.00
CA LYS B 54 8.79 19.82 -24.36
C LYS B 54 9.03 19.09 -23.04
N PHE B 55 9.86 18.05 -23.07
CA PHE B 55 10.10 17.27 -21.86
C PHE B 55 10.82 18.09 -20.80
N TYR B 56 11.84 18.87 -21.21
CA TYR B 56 12.54 19.70 -20.25
C TYR B 56 11.59 20.73 -19.64
N ALA B 57 10.72 21.31 -20.46
CA ALA B 57 9.75 22.28 -19.96
C ALA B 57 8.77 21.60 -18.99
N ILE B 58 8.22 20.46 -19.40
CA ILE B 58 7.33 19.72 -18.50
C ILE B 58 8.11 19.24 -17.28
N THR B 59 9.25 18.58 -17.51
CA THR B 59 10.01 18.01 -16.40
C THR B 59 10.50 19.09 -15.45
N THR B 60 10.88 20.26 -15.99
CA THR B 60 11.40 21.33 -15.15
C THR B 60 10.30 22.03 -14.37
N LEU B 61 9.08 22.02 -14.89
CA LEU B 61 7.96 22.71 -14.24
C LEU B 61 7.46 21.99 -13.00
N VAL B 62 7.49 20.66 -13.00
CA VAL B 62 6.89 19.87 -11.94
C VAL B 62 7.55 20.18 -10.60
N PRO B 63 8.86 19.98 -10.44
CA PRO B 63 9.47 20.20 -9.12
C PRO B 63 9.38 21.64 -8.66
N ALA B 64 9.25 22.60 -9.58
CA ALA B 64 9.12 24.00 -9.18
C ALA B 64 7.84 24.24 -8.39
N ILE B 65 6.73 23.64 -8.82
CA ILE B 65 5.48 23.78 -8.07
C ILE B 65 5.59 23.11 -6.71
N ALA B 66 6.19 21.92 -6.65
CA ALA B 66 6.31 21.23 -5.38
C ALA B 66 7.18 22.03 -4.41
N PHE B 67 8.28 22.59 -4.91
CA PHE B 67 9.12 23.45 -4.09
C PHE B 67 8.29 24.54 -3.42
N THR B 68 7.44 25.22 -4.20
CA THR B 68 6.64 26.31 -3.65
C THR B 68 5.73 25.81 -2.54
N MET B 69 5.17 24.60 -2.69
CA MET B 69 4.29 24.05 -1.68
C MET B 69 5.08 23.45 -0.53
N TYR B 70 6.21 22.80 -0.81
CA TYR B 70 7.08 22.36 0.27
C TYR B 70 7.60 23.55 1.05
N LEU B 71 7.86 24.66 0.36
CA LEU B 71 8.33 25.87 1.02
C LEU B 71 7.21 26.51 1.83
N SER B 72 6.00 26.55 1.28
CA SER B 72 4.88 27.15 2.00
C SER B 72 4.54 26.32 3.24
N MET B 73 4.50 25.00 3.11
CA MET B 73 4.29 24.16 4.28
C MET B 73 5.41 24.37 5.30
N LEU B 74 6.64 24.50 4.81
CA LEU B 74 7.78 24.69 5.70
C LEU B 74 7.60 25.90 6.60
N LEU B 75 6.94 26.95 6.09
CA LEU B 75 6.70 28.15 6.87
C LEU B 75 5.31 28.19 7.50
N GLY B 76 4.54 27.10 7.43
CA GLY B 76 3.30 27.05 8.18
C GLY B 76 2.11 27.72 7.54
N TYR B 77 1.91 27.52 6.23
CA TYR B 77 0.80 28.15 5.52
C TYR B 77 -0.26 27.17 5.03
N GLY B 78 0.14 26.11 4.36
CA GLY B 78 -0.79 25.15 3.83
C GLY B 78 -1.21 24.05 4.79
N LEU B 79 -1.44 24.41 6.05
CA LEU B 79 -1.79 23.45 7.08
C LEU B 79 -2.99 23.98 7.86
N THR B 80 -4.04 23.16 7.96
CA THR B 80 -5.23 23.50 8.71
C THR B 80 -5.54 22.37 9.69
N MET B 81 -6.42 22.66 10.63
CA MET B 81 -6.77 21.74 11.71
C MET B 81 -8.21 21.27 11.46
N VAL B 82 -8.34 20.07 10.88
CA VAL B 82 -9.66 19.55 10.51
C VAL B 82 -10.25 18.75 11.66
N PRO B 83 -11.53 18.97 12.02
CA PRO B 83 -12.14 18.23 13.13
C PRO B 83 -12.88 16.97 12.70
N PHE B 84 -12.34 15.80 13.04
CA PHE B 84 -13.03 14.55 12.78
C PHE B 84 -12.54 13.54 13.80
N GLY B 85 -13.34 12.51 14.03
CA GLY B 85 -13.01 11.53 15.05
C GLY B 85 -12.97 12.12 16.44
N GLY B 86 -13.74 13.17 16.68
CA GLY B 86 -13.78 13.82 17.98
C GLY B 86 -12.57 14.64 18.33
N GLU B 87 -11.55 14.68 17.46
CA GLU B 87 -10.34 15.44 17.74
C GLU B 87 -10.03 16.36 16.57
N GLN B 88 -9.21 17.37 16.86
CA GLN B 88 -8.77 18.34 15.85
C GLN B 88 -7.51 17.81 15.18
N ASN B 89 -7.64 17.36 13.94
CA ASN B 89 -6.56 16.71 13.22
C ASN B 89 -5.88 17.68 12.26
N PRO B 90 -4.58 17.94 12.38
CA PRO B 90 -3.92 18.84 11.43
C PRO B 90 -3.70 18.15 10.09
N ILE B 91 -4.26 18.71 9.03
CA ILE B 91 -4.22 18.13 7.69
C ILE B 91 -3.52 19.11 6.77
N TYR B 92 -2.52 18.61 6.04
CA TYR B 92 -1.79 19.42 5.06
C TYR B 92 -2.54 19.39 3.74
N TRP B 93 -3.38 20.40 3.51
CA TRP B 93 -4.10 20.47 2.25
C TRP B 93 -3.23 21.00 1.12
N ALA B 94 -2.04 21.53 1.44
CA ALA B 94 -1.15 22.04 0.40
C ALA B 94 -0.65 20.93 -0.50
N ARG B 95 -0.56 19.71 0.02
CA ARG B 95 -0.09 18.60 -0.79
C ARG B 95 -0.95 18.45 -2.03
N TYR B 96 -2.23 18.80 -1.92
CA TYR B 96 -3.16 18.57 -3.01
C TYR B 96 -3.10 19.69 -4.04
N ALA B 97 -2.89 20.93 -3.58
CA ALA B 97 -2.53 22.00 -4.51
C ALA B 97 -1.22 21.69 -5.20
N ASP B 98 -0.30 21.05 -4.47
CA ASP B 98 0.94 20.57 -5.06
C ASP B 98 0.64 19.47 -6.07
N TRP B 99 0.02 18.39 -5.61
CA TRP B 99 -0.25 17.24 -6.45
C TRP B 99 -1.23 17.54 -7.57
N LEU B 100 -2.07 18.57 -7.42
CA LEU B 100 -3.05 18.88 -8.45
C LEU B 100 -2.39 19.18 -9.79
N PHE B 101 -1.22 19.82 -9.76
CA PHE B 101 -0.55 20.22 -11.00
C PHE B 101 0.64 19.32 -11.33
N THR B 102 1.30 18.76 -10.33
CA THR B 102 2.49 17.96 -10.59
C THR B 102 2.15 16.62 -11.22
N THR B 103 1.11 15.94 -10.73
CA THR B 103 0.84 14.58 -11.20
C THR B 103 0.38 14.55 -12.66
N PRO B 104 -0.51 15.46 -13.10
CA PRO B 104 -0.92 15.40 -14.51
C PRO B 104 0.21 15.66 -15.50
N LEU B 105 1.22 16.43 -15.11
CA LEU B 105 2.33 16.72 -16.01
C LEU B 105 3.24 15.51 -16.17
N LEU B 106 3.43 14.72 -15.12
CA LEU B 106 4.24 13.52 -15.21
C LEU B 106 3.62 12.51 -16.16
N LEU B 107 2.29 12.41 -16.17
CA LEU B 107 1.62 11.55 -17.13
C LEU B 107 1.78 12.09 -18.55
N LEU B 108 1.70 13.42 -18.69
CA LEU B 108 1.89 14.01 -20.01
C LEU B 108 3.27 13.70 -20.56
N ASP B 109 4.29 13.69 -19.68
CA ASP B 109 5.60 13.23 -20.10
C ASP B 109 5.51 11.81 -20.65
N LEU B 110 4.84 10.92 -19.90
CA LEU B 110 4.61 9.58 -20.42
C LEU B 110 3.74 9.63 -21.67
N ALA B 111 2.75 10.52 -21.69
CA ALA B 111 1.91 10.66 -22.88
C ALA B 111 2.73 11.11 -24.08
N LEU B 112 3.52 12.17 -23.92
CA LEU B 112 4.37 12.61 -25.01
C LEU B 112 5.42 11.56 -25.34
N LEU B 113 5.90 10.84 -24.33
CA LEU B 113 6.93 9.83 -24.56
C LEU B 113 6.43 8.75 -25.52
N VAL B 114 5.24 8.19 -25.23
CA VAL B 114 4.70 7.11 -26.05
C VAL B 114 3.76 7.61 -27.14
N ASP B 115 3.63 8.94 -27.28
CA ASP B 115 2.82 9.51 -28.36
C ASP B 115 1.36 9.06 -28.26
N ALA B 116 0.76 9.35 -27.11
CA ALA B 116 -0.62 8.96 -26.86
C ALA B 116 -1.60 9.90 -27.56
N ASP B 117 -2.75 9.33 -27.94
CA ASP B 117 -3.79 10.05 -28.68
C ASP B 117 -4.52 11.06 -27.80
N GLN B 118 -5.33 11.88 -28.45
CA GLN B 118 -6.06 12.93 -27.73
C GLN B 118 -7.02 12.34 -26.72
N GLY B 119 -7.65 11.21 -27.07
CA GLY B 119 -8.63 10.60 -26.19
C GLY B 119 -8.02 10.06 -24.91
N THR B 120 -6.92 9.32 -25.04
CA THR B 120 -6.29 8.74 -23.85
C THR B 120 -5.79 9.82 -22.91
N ILE B 121 -5.13 10.84 -23.46
CA ILE B 121 -4.58 11.90 -22.64
C ILE B 121 -5.70 12.66 -21.95
N LEU B 122 -6.74 13.01 -22.71
CA LEU B 122 -7.88 13.69 -22.14
C LEU B 122 -8.49 12.88 -20.99
N ALA B 123 -8.53 11.55 -21.15
CA ALA B 123 -9.09 10.69 -20.11
C ALA B 123 -8.22 10.69 -18.86
N LEU B 124 -6.90 10.55 -19.02
CA LEU B 124 -6.01 10.47 -17.87
C LEU B 124 -6.11 11.74 -17.02
N VAL B 125 -6.10 12.90 -17.66
CA VAL B 125 -6.15 14.16 -16.90
C VAL B 125 -7.48 14.28 -16.17
N GLY B 126 -8.58 13.85 -16.81
CA GLY B 126 -9.85 13.87 -16.11
C GLY B 126 -9.83 13.03 -14.84
N ALA B 127 -9.31 11.82 -14.94
CA ALA B 127 -9.21 10.95 -13.76
C ALA B 127 -8.28 11.56 -12.71
N ASP B 128 -7.17 12.16 -13.16
CA ASP B 128 -6.20 12.70 -12.21
C ASP B 128 -6.78 13.82 -11.38
N GLY B 129 -7.57 14.70 -12.00
CA GLY B 129 -8.23 15.75 -11.25
C GLY B 129 -9.16 15.20 -10.18
N ILE B 130 -9.95 14.18 -10.54
CA ILE B 130 -10.82 13.53 -9.58
C ILE B 130 -10.01 12.85 -8.48
N MET B 131 -8.88 12.24 -8.85
CA MET B 131 -8.06 11.56 -7.85
C MET B 131 -7.65 12.50 -6.74
N ILE B 132 -7.02 13.64 -7.10
CA ILE B 132 -6.62 14.60 -6.09
C ILE B 132 -7.81 15.40 -5.60
N GLY B 133 -8.80 15.65 -6.47
CA GLY B 133 -9.99 16.36 -6.07
C GLY B 133 -10.70 15.62 -4.96
N THR B 134 -11.06 14.35 -5.21
CA THR B 134 -11.68 13.55 -4.17
C THR B 134 -10.73 13.37 -2.99
N GLY B 135 -9.44 13.18 -3.28
CA GLY B 135 -8.46 13.05 -2.21
C GLY B 135 -8.47 14.26 -1.29
N LEU B 136 -8.61 15.46 -1.87
CA LEU B 136 -8.62 16.68 -1.06
C LEU B 136 -9.89 16.79 -0.23
N VAL B 137 -11.04 16.44 -0.81
CA VAL B 137 -12.29 16.51 -0.06
C VAL B 137 -12.24 15.54 1.12
N GLY B 138 -11.71 14.33 0.89
CA GLY B 138 -11.59 13.37 1.97
C GLY B 138 -10.67 13.83 3.07
N ALA B 139 -9.57 14.50 2.71
CA ALA B 139 -8.67 15.06 3.70
C ALA B 139 -9.32 16.15 4.54
N LEU B 140 -10.48 16.66 4.12
CA LEU B 140 -11.18 17.73 4.81
C LEU B 140 -12.53 17.31 5.35
N THR B 141 -13.00 16.10 5.06
CA THR B 141 -14.26 15.63 5.60
C THR B 141 -14.23 15.63 7.12
N LYS B 142 -15.34 16.07 7.72
CA LYS B 142 -15.49 16.06 9.17
C LYS B 142 -16.16 14.78 9.65
N VAL B 143 -16.96 14.14 8.81
CA VAL B 143 -17.53 12.83 9.12
C VAL B 143 -16.47 11.77 8.85
N TYR B 144 -16.16 10.97 9.86
CA TYR B 144 -15.08 10.00 9.74
C TYR B 144 -15.36 8.97 8.66
N SER B 145 -16.54 8.35 8.69
CA SER B 145 -16.82 7.22 7.80
C SER B 145 -16.64 7.61 6.34
N TYR B 146 -17.26 8.71 5.92
CA TYR B 146 -17.18 9.16 4.54
C TYR B 146 -15.77 9.59 4.17
N ARG B 147 -14.92 9.87 5.17
CA ARG B 147 -13.54 10.22 4.90
C ARG B 147 -12.86 9.18 4.03
N PHE B 148 -13.12 7.91 4.30
CA PHE B 148 -12.51 6.85 3.49
C PHE B 148 -13.25 6.63 2.18
N VAL B 149 -14.53 6.98 2.13
CA VAL B 149 -15.26 6.92 0.86
C VAL B 149 -14.54 7.77 -0.19
N TRP B 150 -14.17 8.99 0.19
CA TRP B 150 -13.41 9.83 -0.73
C TRP B 150 -12.03 9.23 -1.00
N TRP B 151 -11.43 8.60 0.02
CA TRP B 151 -10.18 7.89 -0.20
C TRP B 151 -10.38 6.74 -1.18
N ALA B 152 -11.46 5.99 -1.03
CA ALA B 152 -11.72 4.87 -1.92
C ALA B 152 -11.93 5.34 -3.35
N ILE B 153 -12.81 6.32 -3.55
CA ILE B 153 -13.05 6.85 -4.89
C ILE B 153 -11.76 7.40 -5.46
N SER B 154 -11.02 8.17 -4.65
CA SER B 154 -9.72 8.66 -5.10
C SER B 154 -8.83 7.49 -5.47
N THR B 155 -8.74 6.49 -4.58
CA THR B 155 -7.96 5.29 -4.88
C THR B 155 -8.46 4.64 -6.16
N ALA B 156 -9.78 4.52 -6.30
CA ALA B 156 -10.36 3.96 -7.52
C ALA B 156 -9.91 4.73 -8.75
N ALA B 157 -9.90 6.06 -8.67
CA ALA B 157 -9.43 6.87 -9.78
C ALA B 157 -7.98 6.56 -10.10
N MET B 158 -7.14 6.50 -9.06
CA MET B 158 -5.73 6.20 -9.27
C MET B 158 -5.55 4.87 -9.99
N LEU B 159 -6.32 3.85 -9.60
CA LEU B 159 -6.13 2.52 -10.18
C LEU B 159 -6.36 2.51 -11.67
N TYR B 160 -7.38 3.25 -12.15
CA TYR B 160 -7.62 3.35 -13.59
C TYR B 160 -6.42 3.92 -14.32
N ILE B 161 -5.79 4.94 -13.75
CA ILE B 161 -4.63 5.56 -14.39
C ILE B 161 -3.52 4.53 -14.56
N LEU B 162 -3.18 3.83 -13.48
CA LEU B 162 -2.10 2.84 -13.55
C LEU B 162 -2.41 1.75 -14.56
N TYR B 163 -3.69 1.41 -14.72
CA TYR B 163 -4.09 0.42 -15.73
C TYR B 163 -3.75 0.90 -17.14
N VAL B 164 -4.08 2.16 -17.44
CA VAL B 164 -3.79 2.71 -18.77
C VAL B 164 -2.29 2.74 -19.02
N LEU B 165 -1.52 3.16 -18.01
CA LEU B 165 -0.07 3.23 -18.17
C LEU B 165 0.53 1.84 -18.37
N PHE B 166 0.11 0.88 -17.57
CA PHE B 166 0.75 -0.43 -17.59
C PHE B 166 0.29 -1.25 -18.79
N PHE B 167 -1.00 -1.20 -19.10
CA PHE B 167 -1.54 -1.97 -20.21
C PHE B 167 -1.68 -1.15 -21.48
N GLY B 168 -2.27 0.05 -21.37
CA GLY B 168 -2.46 0.90 -22.53
C GLY B 168 -1.18 1.48 -23.07
N PHE B 169 -0.51 2.32 -22.28
CA PHE B 169 0.68 2.99 -22.79
C PHE B 169 1.74 1.99 -23.17
N THR B 170 1.89 0.92 -22.39
CA THR B 170 2.91 -0.09 -22.69
C THR B 170 2.66 -0.67 -24.07
N SER B 171 1.40 -1.04 -24.36
CA SER B 171 1.08 -1.56 -25.68
C SER B 171 1.48 -0.56 -26.77
N LYS B 172 1.25 0.73 -26.53
CA LYS B 172 1.74 1.75 -27.46
C LYS B 172 3.26 1.79 -27.48
N ALA B 173 3.89 1.58 -26.33
CA ALA B 173 5.33 1.71 -26.20
C ALA B 173 6.11 0.74 -27.08
N GLU B 174 5.50 -0.38 -27.48
CA GLU B 174 6.21 -1.37 -28.29
C GLU B 174 6.35 -0.91 -29.74
N SER B 175 5.31 -0.28 -30.28
CA SER B 175 5.41 0.29 -31.62
C SER B 175 6.47 1.38 -31.70
N MET B 176 6.84 1.97 -30.57
CA MET B 176 7.84 3.03 -30.53
C MET B 176 9.23 2.45 -30.81
N ARG B 177 10.25 3.29 -30.72
CA ARG B 177 11.62 2.84 -30.90
C ARG B 177 12.13 2.17 -29.63
N PRO B 178 13.17 1.33 -29.74
CA PRO B 178 13.57 0.55 -28.55
C PRO B 178 13.95 1.42 -27.36
N GLU B 179 14.58 2.57 -27.59
CA GLU B 179 14.97 3.44 -26.49
C GLU B 179 13.75 3.97 -25.74
N VAL B 180 12.66 4.25 -26.45
CA VAL B 180 11.46 4.78 -25.81
C VAL B 180 10.79 3.69 -24.98
N ALA B 181 10.70 2.48 -25.51
CA ALA B 181 10.08 1.39 -24.75
C ALA B 181 10.87 1.09 -23.49
N SER B 182 12.20 1.03 -23.60
CA SER B 182 13.01 0.73 -22.42
C SER B 182 12.91 1.85 -21.39
N THR B 183 12.86 3.10 -21.85
CA THR B 183 12.80 4.24 -20.92
C THR B 183 11.43 4.34 -20.28
N PHE B 184 10.37 4.04 -21.03
CA PHE B 184 9.02 4.14 -20.46
C PHE B 184 8.79 3.04 -19.42
N LYS B 185 9.23 1.81 -19.69
CA LYS B 185 9.04 0.74 -18.72
C LYS B 185 9.72 1.06 -17.40
N VAL B 186 10.92 1.64 -17.45
CA VAL B 186 11.57 2.06 -16.22
C VAL B 186 10.74 3.12 -15.52
N LEU B 187 10.24 4.09 -16.29
CA LEU B 187 9.36 5.11 -15.74
C LEU B 187 8.00 4.53 -15.36
N ARG B 188 7.54 3.51 -16.09
CA ARG B 188 6.29 2.85 -15.76
C ARG B 188 6.40 2.10 -14.43
N ASN B 189 7.47 1.32 -14.27
CA ASN B 189 7.63 0.54 -13.05
C ASN B 189 7.83 1.44 -11.83
N VAL B 190 8.48 2.59 -12.00
CA VAL B 190 8.65 3.52 -10.88
C VAL B 190 7.32 4.15 -10.49
N THR B 191 6.52 4.56 -11.47
CA THR B 191 5.25 5.22 -11.17
C THR B 191 4.33 4.30 -10.36
N VAL B 192 4.16 3.06 -10.82
CA VAL B 192 3.26 2.13 -10.13
C VAL B 192 3.71 1.93 -8.69
N VAL B 193 5.02 1.81 -8.46
CA VAL B 193 5.53 1.59 -7.12
C VAL B 193 5.20 2.77 -6.22
N LEU B 194 5.53 3.99 -6.66
CA LEU B 194 5.45 5.15 -5.77
C LEU B 194 4.02 5.64 -5.59
N TRP B 195 3.26 5.75 -6.67
CA TRP B 195 1.90 6.28 -6.54
C TRP B 195 1.05 5.40 -5.65
N SER B 196 1.21 4.07 -5.75
CA SER B 196 0.40 3.14 -4.96
C SER B 196 0.60 3.34 -3.47
N ALA B 197 1.76 3.87 -3.06
CA ALA B 197 2.02 4.06 -1.63
C ALA B 197 1.26 5.25 -1.05
N TYR B 198 0.81 6.18 -1.89
CA TYR B 198 0.12 7.36 -1.37
C TYR B 198 -1.21 7.00 -0.71
N PRO B 199 -2.08 6.18 -1.30
CA PRO B 199 -3.35 5.86 -0.63
C PRO B 199 -3.16 5.07 0.64
N VAL B 200 -2.10 4.28 0.74
CA VAL B 200 -1.85 3.51 1.96
C VAL B 200 -1.43 4.44 3.09
N VAL B 201 -0.43 5.28 2.83
CA VAL B 201 0.03 6.22 3.84
C VAL B 201 -1.11 7.14 4.27
N TRP B 202 -1.88 7.64 3.29
CA TRP B 202 -3.06 8.42 3.61
C TRP B 202 -4.02 7.61 4.46
N LEU B 203 -4.16 6.32 4.16
CA LEU B 203 -5.09 5.46 4.89
C LEU B 203 -4.63 5.27 6.33
N ILE B 204 -3.35 4.94 6.52
CA ILE B 204 -2.85 4.64 7.85
C ILE B 204 -2.36 5.87 8.61
N GLY B 205 -2.12 6.98 7.92
CA GLY B 205 -1.52 8.15 8.54
C GLY B 205 -2.54 8.98 9.29
N SER B 206 -2.15 10.22 9.59
CA SER B 206 -3.04 11.17 10.24
C SER B 206 -4.20 11.56 9.33
N GLU B 207 -4.07 11.35 8.02
CA GLU B 207 -5.14 11.72 7.10
C GLU B 207 -6.35 10.82 7.25
N GLY B 208 -6.13 9.54 7.59
CA GLY B 208 -7.20 8.58 7.72
C GLY B 208 -7.21 7.90 9.07
N ALA B 209 -6.54 6.76 9.17
CA ALA B 209 -6.59 5.97 10.39
C ALA B 209 -6.05 6.75 11.57
N GLY B 210 -4.89 7.40 11.39
CA GLY B 210 -4.22 8.08 12.47
C GLY B 210 -3.30 7.18 13.26
N ILE B 211 -2.73 6.15 12.61
CA ILE B 211 -1.84 5.22 13.28
C ILE B 211 -0.37 5.63 13.12
N VAL B 212 -0.03 6.27 12.02
CA VAL B 212 1.33 6.73 11.75
C VAL B 212 1.40 8.22 12.07
N PRO B 213 2.28 8.66 12.98
CA PRO B 213 2.31 10.09 13.32
C PRO B 213 2.68 10.95 12.13
N LEU B 214 2.30 12.23 12.21
CA LEU B 214 2.53 13.15 11.11
C LEU B 214 4.01 13.25 10.78
N ASN B 215 4.88 13.14 11.78
CA ASN B 215 6.30 13.28 11.52
C ASN B 215 6.79 12.23 10.53
N ILE B 216 6.30 10.99 10.68
CA ILE B 216 6.68 9.94 9.74
C ILE B 216 5.89 10.10 8.45
N GLU B 217 4.58 10.37 8.55
CA GLU B 217 3.77 10.58 7.36
C GLU B 217 4.41 11.61 6.44
N THR B 218 4.82 12.75 7.01
CA THR B 218 5.51 13.75 6.22
C THR B 218 6.77 13.17 5.60
N LEU B 219 7.53 12.40 6.40
CA LEU B 219 8.71 11.74 5.87
C LEU B 219 8.34 10.73 4.79
N LEU B 220 7.24 10.00 5.00
CA LEU B 220 6.80 9.03 4.00
C LEU B 220 6.35 9.73 2.73
N PHE B 221 5.58 10.81 2.87
CA PHE B 221 5.20 11.60 1.72
C PHE B 221 6.40 12.34 1.13
N MET B 222 7.38 12.69 1.96
CA MET B 222 8.54 13.40 1.45
C MET B 222 9.38 12.52 0.55
N VAL B 223 9.74 11.33 1.03
CA VAL B 223 10.55 10.42 0.22
C VAL B 223 9.86 10.12 -1.09
N LEU B 224 8.54 9.98 -1.06
CA LEU B 224 7.79 9.69 -2.29
C LEU B 224 7.78 10.89 -3.22
N ASP B 225 7.37 12.05 -2.73
CA ASP B 225 7.25 13.22 -3.59
C ASP B 225 8.56 13.49 -4.33
N VAL B 226 9.68 13.44 -3.60
CA VAL B 226 10.98 13.69 -4.21
C VAL B 226 11.29 12.64 -5.28
N SER B 227 11.07 11.36 -4.94
CA SER B 227 11.40 10.29 -5.88
C SER B 227 10.54 10.33 -7.13
N ALA B 228 9.29 10.76 -7.01
CA ALA B 228 8.35 10.70 -8.13
C ALA B 228 8.49 11.90 -9.06
N VAL B 230 11.70 14.28 -8.89
CA VAL B 230 13.12 14.49 -9.17
C VAL B 230 13.73 13.25 -9.80
N GLY B 231 13.62 12.12 -9.10
CA GLY B 231 14.17 10.88 -9.62
C GLY B 231 13.55 10.50 -10.96
N PHE B 232 12.24 10.67 -11.09
CA PHE B 232 11.58 10.42 -12.36
C PHE B 232 12.17 11.32 -13.45
N GLY B 233 12.28 12.61 -13.16
CA GLY B 233 12.84 13.52 -14.14
C GLY B 233 14.26 13.14 -14.55
N LEU B 234 15.10 12.82 -13.56
CA LEU B 234 16.48 12.45 -13.88
C LEU B 234 16.51 11.34 -14.92
N ILE B 235 15.73 10.28 -14.69
CA ILE B 235 15.69 9.16 -15.62
C ILE B 235 15.22 9.63 -16.98
N LEU B 236 14.19 10.48 -17.01
CA LEU B 236 13.63 10.91 -18.29
C LEU B 236 14.64 11.77 -19.06
N LEU B 237 15.20 12.78 -18.40
CA LEU B 237 16.06 13.75 -19.07
C LEU B 237 17.47 13.24 -19.31
N ARG B 238 17.88 12.17 -18.62
CA ARG B 238 19.14 11.50 -18.91
C ARG B 238 19.04 10.55 -20.08
N SER B 239 17.84 10.32 -20.60
CA SER B 239 17.59 9.36 -21.66
C SER B 239 17.59 10.03 -23.02
N ARG B 240 17.77 9.22 -24.06
CA ARG B 240 17.70 9.65 -25.44
C ARG B 240 16.29 9.50 -26.02
N ALA B 241 15.32 9.11 -25.19
CA ALA B 241 13.96 8.94 -25.68
C ALA B 241 13.25 10.27 -25.89
N ILE B 242 13.62 11.30 -25.13
CA ILE B 242 12.99 12.60 -25.26
C ILE B 242 13.27 13.27 -26.61
N PHE B 243 14.29 12.80 -27.33
CA PHE B 243 14.67 13.41 -28.59
C PHE B 243 13.84 12.86 -29.75
N GLY B 244 13.29 13.75 -30.56
CA GLY B 244 12.57 13.38 -31.75
C GLY B 244 13.48 13.18 -32.95
#